data_4KWY
#
_entry.id   4KWY
#
_cell.length_a   88.442
_cell.length_b   136.351
_cell.length_c   60.211
_cell.angle_alpha   90.000
_cell.angle_beta   90.000
_cell.angle_gamma   90.000
#
_symmetry.space_group_name_H-M   'C 2 2 21'
#
loop_
_entity.id
_entity.type
_entity.pdbx_description
1 polymer 'Putative uncharacterized protein'
2 non-polymer 'CHLORIDE ION'
3 non-polymer 'PHOSPHATE ION'
4 water water
#
_entity_poly.entity_id   1
_entity_poly.type   'polypeptide(L)'
_entity_poly.pdbx_seq_one_letter_code
;GGRAGVESGLSSIETVAAEGRGGYLLREQLDDALAHRQGSPAAYKLYLSVNEQRFARGVRLDNVANRFELR(MSE)SVDW
RLLDAKNGAEVHKGRTDVSVTYDSADQPYAAIAAQQDGQERAAAEAARKIQLDLATWLAGKKPA
;
_entity_poly.pdbx_strand_id   A,B
#
# COMPACT_ATOMS: atom_id res chain seq x y z
N ALA A 4 2.91 -17.56 -14.87
CA ALA A 4 3.75 -17.35 -16.05
C ALA A 4 2.94 -16.76 -17.23
N GLY A 5 1.89 -17.46 -17.66
CA GLY A 5 0.99 -17.03 -18.72
C GLY A 5 0.05 -15.92 -18.26
N VAL A 6 -0.25 -15.89 -16.93
CA VAL A 6 -1.07 -14.87 -16.26
C VAL A 6 -0.26 -13.58 -16.19
N GLU A 7 1.03 -13.69 -15.79
CA GLU A 7 1.98 -12.57 -15.69
C GLU A 7 2.26 -12.00 -17.10
N SER A 8 2.30 -12.89 -18.12
CA SER A 8 2.47 -12.57 -19.55
C SER A 8 1.20 -11.88 -20.08
N GLY A 9 0.05 -12.29 -19.54
CA GLY A 9 -1.25 -11.74 -19.86
C GLY A 9 -1.45 -10.37 -19.24
N LEU A 10 -1.00 -10.21 -17.98
CA LEU A 10 -1.12 -8.94 -17.26
C LEU A 10 -0.28 -7.86 -17.95
N SER A 11 0.94 -8.21 -18.41
CA SER A 11 1.79 -7.24 -19.07
C SER A 11 1.30 -6.95 -20.50
N SER A 12 0.28 -7.71 -21.01
CA SER A 12 -0.32 -7.45 -22.33
C SER A 12 -1.44 -6.38 -22.22
N ILE A 13 -1.77 -5.96 -20.97
CA ILE A 13 -2.81 -4.95 -20.69
C ILE A 13 -2.21 -3.53 -20.75
N GLU A 14 -2.73 -2.72 -21.66
CA GLU A 14 -2.34 -1.33 -21.80
C GLU A 14 -3.36 -0.46 -21.10
N THR A 15 -2.89 0.29 -20.12
CA THR A 15 -3.72 1.15 -19.27
C THR A 15 -3.85 2.51 -19.91
N VAL A 16 -5.10 2.95 -20.06
CA VAL A 16 -5.56 4.20 -20.68
C VAL A 16 -6.27 5.04 -19.61
N ALA A 17 -5.87 6.29 -19.50
CA ALA A 17 -6.51 7.22 -18.59
C ALA A 17 -6.63 8.57 -19.26
N ALA A 18 -7.73 9.26 -18.96
CA ALA A 18 -7.94 10.61 -19.42
C ALA A 18 -7.12 11.57 -18.55
N GLU A 19 -6.90 12.81 -19.04
CA GLU A 19 -6.19 13.87 -18.33
C GLU A 19 -6.64 13.99 -16.87
N GLY A 20 -5.68 13.91 -15.95
CA GLY A 20 -5.95 14.01 -14.52
C GLY A 20 -4.84 13.46 -13.67
N ARG A 21 -4.64 14.04 -12.45
CA ARG A 21 -3.58 13.57 -11.54
C ARG A 21 -3.82 12.12 -11.10
N GLY A 22 -5.06 11.80 -10.70
CA GLY A 22 -5.48 10.45 -10.29
C GLY A 22 -5.27 9.38 -11.34
N GLY A 23 -5.73 9.64 -12.57
CA GLY A 23 -5.55 8.71 -13.67
C GLY A 23 -4.09 8.58 -14.05
N TYR A 24 -3.33 9.70 -13.95
CA TYR A 24 -1.89 9.68 -14.21
C TYR A 24 -1.19 8.80 -13.19
N LEU A 25 -1.44 9.03 -11.89
CA LEU A 25 -0.84 8.26 -10.80
C LEU A 25 -1.28 6.79 -10.85
N LEU A 26 -2.58 6.52 -11.04
CA LEU A 26 -3.09 5.15 -11.11
C LEU A 26 -2.52 4.42 -12.30
N ARG A 27 -2.46 5.06 -13.48
CA ARG A 27 -1.91 4.46 -14.71
C ARG A 27 -0.44 4.07 -14.50
N GLU A 28 0.36 4.99 -13.92
CA GLU A 28 1.77 4.83 -13.59
C GLU A 28 1.94 3.63 -12.66
N GLN A 29 1.08 3.53 -11.62
CA GLN A 29 1.10 2.43 -10.65
C GLN A 29 0.71 1.11 -11.29
N LEU A 30 -0.29 1.11 -12.18
CA LEU A 30 -0.76 -0.08 -12.87
C LEU A 30 0.28 -0.55 -13.91
N ASP A 31 0.94 0.38 -14.64
CA ASP A 31 1.99 0.02 -15.62
C ASP A 31 3.14 -0.70 -14.91
N ASP A 32 3.39 -0.34 -13.63
CA ASP A 32 4.38 -0.96 -12.75
C ASP A 32 3.92 -2.33 -12.25
N ALA A 33 2.73 -2.39 -11.65
CA ALA A 33 2.10 -3.60 -11.12
C ALA A 33 1.83 -4.66 -12.23
N LEU A 34 1.37 -4.20 -13.41
CA LEU A 34 1.08 -5.08 -14.55
C LEU A 34 2.34 -5.44 -15.35
N ALA A 35 3.43 -4.65 -15.21
CA ALA A 35 4.73 -4.82 -15.91
C ALA A 35 4.60 -4.59 -17.44
N HIS A 36 3.63 -3.74 -17.85
CA HIS A 36 3.43 -3.41 -19.25
C HIS A 36 4.49 -2.40 -19.68
N ARG A 37 5.40 -2.84 -20.56
CA ARG A 37 6.46 -1.98 -21.09
C ARG A 37 5.85 -1.15 -22.24
N GLN A 38 6.09 0.18 -22.22
CA GLN A 38 5.54 1.07 -23.25
C GLN A 38 6.15 0.74 -24.63
N GLY A 39 5.29 0.65 -25.63
CA GLY A 39 5.66 0.27 -26.99
C GLY A 39 5.44 -1.21 -27.26
N SER A 40 5.07 -1.98 -26.20
CA SER A 40 4.78 -3.40 -26.27
C SER A 40 3.41 -3.69 -26.93
N PRO A 41 3.24 -4.89 -27.56
CA PRO A 41 1.91 -5.21 -28.12
C PRO A 41 0.88 -5.34 -27.01
N ALA A 42 -0.33 -4.83 -27.25
CA ALA A 42 -1.42 -4.85 -26.28
C ALA A 42 -2.53 -5.79 -26.74
N ALA A 43 -3.00 -6.64 -25.83
CA ALA A 43 -4.11 -7.57 -26.04
C ALA A 43 -5.37 -6.98 -25.46
N TYR A 44 -5.22 -6.15 -24.42
CA TYR A 44 -6.33 -5.50 -23.74
C TYR A 44 -6.07 -4.03 -23.53
N LYS A 45 -7.16 -3.24 -23.51
CA LYS A 45 -7.12 -1.81 -23.19
C LYS A 45 -7.87 -1.62 -21.89
N LEU A 46 -7.16 -1.17 -20.86
CA LEU A 46 -7.80 -0.93 -19.58
C LEU A 46 -8.07 0.57 -19.46
N TYR A 47 -9.36 0.95 -19.47
CA TYR A 47 -9.82 2.34 -19.35
C TYR A 47 -10.13 2.70 -17.93
N LEU A 48 -9.45 3.72 -17.41
CA LEU A 48 -9.66 4.14 -16.04
C LEU A 48 -10.48 5.41 -15.97
N SER A 49 -11.54 5.43 -15.13
CA SER A 49 -12.35 6.64 -14.90
C SER A 49 -12.26 7.02 -13.44
N VAL A 50 -11.28 7.86 -13.14
CA VAL A 50 -11.07 8.35 -11.79
C VAL A 50 -11.94 9.57 -11.60
N ASN A 51 -12.57 9.68 -10.39
CA ASN A 51 -13.29 10.86 -9.96
C ASN A 51 -12.22 11.84 -9.50
N GLU A 52 -11.74 12.65 -10.43
CA GLU A 52 -10.61 13.56 -10.26
C GLU A 52 -10.88 14.71 -9.28
N GLN A 53 -12.14 15.19 -9.22
CA GLN A 53 -12.50 16.26 -8.31
C GLN A 53 -12.41 15.73 -6.88
N ARG A 54 -12.96 14.51 -6.62
CA ARG A 54 -12.92 13.84 -5.29
C ARG A 54 -11.47 13.52 -4.89
N PHE A 55 -10.64 13.14 -5.85
CA PHE A 55 -9.27 12.79 -5.59
C PHE A 55 -8.37 14.02 -5.26
N ALA A 56 -8.70 15.20 -5.81
CA ALA A 56 -7.92 16.41 -5.57
C ALA A 56 -8.23 17.03 -4.17
N ARG A 57 -9.41 16.68 -3.62
CA ARG A 57 -9.92 17.14 -2.33
C ARG A 57 -9.53 16.24 -1.16
N GLY A 58 -8.63 16.74 -0.32
CA GLY A 58 -8.31 16.13 0.95
C GLY A 58 -9.31 16.71 1.93
N VAL A 59 -10.04 15.83 2.66
CA VAL A 59 -11.10 16.23 3.60
C VAL A 59 -10.56 16.23 5.02
N ARG A 60 -10.59 17.39 5.69
CA ARG A 60 -10.12 17.54 7.06
C ARG A 60 -10.95 16.68 8.02
N LEU A 61 -10.26 16.04 8.94
CA LEU A 61 -10.87 15.19 9.94
C LEU A 61 -10.86 15.93 11.27
N ASP A 62 -11.79 15.53 12.13
CA ASP A 62 -11.97 16.05 13.47
C ASP A 62 -10.95 15.35 14.40
N ASN A 63 -10.96 15.69 15.70
CA ASN A 63 -10.11 15.12 16.74
C ASN A 63 -8.57 15.41 16.54
N VAL A 64 -7.99 15.08 15.35
CA VAL A 64 -6.55 15.27 15.04
C VAL A 64 -6.32 16.51 14.14
N ALA A 65 -5.37 17.38 14.58
CA ALA A 65 -4.92 18.58 13.85
C ALA A 65 -4.16 18.19 12.56
N ASN A 66 -4.58 18.82 11.44
CA ASN A 66 -4.04 18.68 10.09
C ASN A 66 -4.06 17.24 9.59
N ARG A 67 -5.09 16.41 9.98
CA ARG A 67 -5.27 15.06 9.43
C ARG A 67 -6.34 15.13 8.35
N PHE A 68 -6.07 14.54 7.19
CA PHE A 68 -6.99 14.59 6.07
C PHE A 68 -7.32 13.22 5.55
N GLU A 69 -8.53 13.05 4.98
CA GLU A 69 -8.94 11.81 4.33
C GLU A 69 -9.11 12.07 2.86
N LEU A 70 -8.51 11.23 2.05
CA LEU A 70 -8.52 11.34 0.61
C LEU A 70 -9.13 10.06 0.04
N ARG A 71 -10.04 10.22 -0.91
CA ARG A 71 -10.76 9.11 -1.50
C ARG A 71 -10.51 9.00 -2.99
N SER A 73 -11.94 7.04 -6.13
CA SER A 73 -13.04 6.29 -6.71
C SER A 73 -12.77 6.08 -8.17
N VAL A 74 -12.74 4.81 -8.60
CA VAL A 74 -12.40 4.48 -9.99
C VAL A 74 -13.39 3.49 -10.57
N ASP A 75 -13.96 3.85 -11.70
CA ASP A 75 -14.75 2.93 -12.51
C ASP A 75 -13.85 2.55 -13.64
N TRP A 76 -13.72 1.26 -13.93
CA TRP A 76 -12.84 0.84 -15.01
C TRP A 76 -13.43 -0.27 -15.88
N ARG A 77 -13.05 -0.27 -17.17
CA ARG A 77 -13.46 -1.23 -18.22
C ARG A 77 -12.25 -1.87 -18.87
N LEU A 78 -12.29 -3.19 -19.07
CA LEU A 78 -11.23 -3.91 -19.77
C LEU A 78 -11.74 -4.27 -21.14
N LEU A 79 -11.07 -3.79 -22.19
CA LEU A 79 -11.54 -4.09 -23.54
C LEU A 79 -10.59 -4.99 -24.29
N ASP A 80 -11.14 -5.69 -25.27
CA ASP A 80 -10.34 -6.42 -26.24
C ASP A 80 -9.73 -5.32 -27.15
N ALA A 81 -8.39 -5.22 -27.21
CA ALA A 81 -7.68 -4.19 -27.99
C ALA A 81 -7.92 -4.30 -29.49
N LYS A 82 -8.46 -5.43 -29.96
CA LYS A 82 -8.70 -5.66 -31.39
C LYS A 82 -10.10 -5.26 -31.82
N ASN A 83 -11.14 -5.45 -30.98
CA ASN A 83 -12.48 -5.12 -31.46
C ASN A 83 -13.25 -4.19 -30.54
N GLY A 84 -12.64 -3.79 -29.45
CA GLY A 84 -13.21 -2.85 -28.48
C GLY A 84 -14.34 -3.40 -27.64
N ALA A 85 -14.51 -4.74 -27.64
CA ALA A 85 -15.55 -5.35 -26.83
C ALA A 85 -15.10 -5.32 -25.38
N GLU A 86 -16.02 -4.96 -24.48
CA GLU A 86 -15.79 -4.94 -23.05
C GLU A 86 -15.81 -6.38 -22.57
N VAL A 87 -14.67 -6.87 -22.05
CA VAL A 87 -14.51 -8.27 -21.65
C VAL A 87 -14.57 -8.45 -20.14
N HIS A 88 -14.44 -7.33 -19.41
CA HIS A 88 -14.45 -7.27 -17.95
C HIS A 88 -14.51 -5.81 -17.50
N LYS A 89 -15.12 -5.58 -16.34
CA LYS A 89 -15.20 -4.24 -15.74
C LYS A 89 -15.13 -4.32 -14.19
N GLY A 90 -15.08 -3.15 -13.55
CA GLY A 90 -15.03 -3.05 -12.11
C GLY A 90 -15.18 -1.65 -11.58
N ARG A 91 -15.28 -1.56 -10.25
CA ARG A 91 -15.35 -0.34 -9.45
C ARG A 91 -14.39 -0.54 -8.29
N THR A 92 -13.53 0.43 -8.03
CA THR A 92 -12.54 0.37 -6.95
C THR A 92 -12.66 1.67 -6.15
N ASP A 93 -12.76 1.55 -4.86
CA ASP A 93 -12.86 2.69 -3.95
C ASP A 93 -11.81 2.52 -2.88
N VAL A 94 -10.84 3.43 -2.83
CA VAL A 94 -9.75 3.38 -1.86
C VAL A 94 -9.74 4.69 -1.03
N SER A 95 -9.48 4.57 0.28
CA SER A 95 -9.34 5.72 1.18
C SER A 95 -8.03 5.70 1.90
N VAL A 96 -7.39 6.86 2.01
CA VAL A 96 -6.15 7.06 2.74
C VAL A 96 -6.29 8.30 3.61
N THR A 97 -5.45 8.39 4.65
CA THR A 97 -5.31 9.55 5.49
C THR A 97 -3.86 10.04 5.35
N TYR A 98 -3.66 11.34 5.57
CA TYR A 98 -2.33 11.95 5.61
C TYR A 98 -2.36 12.96 6.67
N ASP A 99 -1.23 13.08 7.36
CA ASP A 99 -1.12 14.04 8.42
C ASP A 99 -0.33 15.23 7.89
N SER A 100 -1.05 16.30 7.52
CA SER A 100 -0.51 17.57 7.00
C SER A 100 0.33 18.33 8.06
N ALA A 101 0.79 19.52 7.69
CA ALA A 101 1.63 20.37 8.51
C ALA A 101 1.29 21.85 8.30
N ASP A 102 1.68 22.72 9.26
CA ASP A 102 1.47 24.17 9.16
C ASP A 102 2.33 24.74 8.00
N GLN A 103 3.52 24.15 7.77
CA GLN A 103 4.46 24.52 6.69
C GLN A 103 3.90 24.08 5.32
N PRO A 104 3.88 24.97 4.31
CA PRO A 104 3.30 24.59 3.01
C PRO A 104 4.04 23.46 2.27
N TYR A 105 5.39 23.42 2.30
CA TYR A 105 6.19 22.39 1.59
C TYR A 105 5.87 20.97 2.10
N ALA A 106 5.72 20.85 3.42
CA ALA A 106 5.47 19.62 4.14
C ALA A 106 4.02 19.21 3.95
N ALA A 107 3.09 20.19 3.91
CA ALA A 107 1.65 19.97 3.71
C ALA A 107 1.37 19.39 2.32
N ILE A 108 2.10 19.87 1.30
CA ILE A 108 1.98 19.41 -0.09
C ILE A 108 2.62 18.01 -0.21
N ALA A 109 3.80 17.81 0.41
CA ALA A 109 4.51 16.53 0.40
C ALA A 109 3.63 15.40 1.00
N ALA A 110 2.91 15.69 2.10
CA ALA A 110 2.00 14.78 2.79
C ALA A 110 0.80 14.42 1.91
N GLN A 111 0.23 15.43 1.21
CA GLN A 111 -0.91 15.27 0.33
C GLN A 111 -0.52 14.42 -0.90
N GLN A 112 0.61 14.75 -1.53
CA GLN A 112 1.09 14.00 -2.69
C GLN A 112 1.42 12.56 -2.34
N ASP A 113 1.96 12.31 -1.12
CA ASP A 113 2.28 10.96 -0.64
C ASP A 113 0.96 10.19 -0.42
N GLY A 114 -0.08 10.85 0.11
CA GLY A 114 -1.40 10.27 0.29
C GLY A 114 -2.01 9.85 -1.04
N GLN A 115 -1.88 10.72 -2.04
CA GLN A 115 -2.36 10.45 -3.40
C GLN A 115 -1.65 9.25 -4.05
N GLU A 116 -0.34 9.13 -3.84
CA GLU A 116 0.48 8.02 -4.33
C GLU A 116 0.07 6.70 -3.67
N ARG A 117 -0.20 6.75 -2.34
CA ARG A 117 -0.60 5.60 -1.55
C ARG A 117 -2.01 5.11 -1.95
N ALA A 118 -2.94 6.06 -2.25
CA ALA A 118 -4.27 5.73 -2.74
C ALA A 118 -4.16 5.04 -4.09
N ALA A 119 -3.38 5.63 -5.01
CA ALA A 119 -3.17 5.08 -6.36
C ALA A 119 -2.50 3.69 -6.33
N ALA A 120 -1.52 3.48 -5.41
CA ALA A 120 -0.81 2.22 -5.22
C ALA A 120 -1.75 1.13 -4.73
N GLU A 121 -2.62 1.43 -3.75
CA GLU A 121 -3.63 0.47 -3.24
C GLU A 121 -4.72 0.20 -4.27
N ALA A 122 -5.19 1.23 -5.01
CA ALA A 122 -6.16 1.06 -6.09
C ALA A 122 -5.59 0.15 -7.17
N ALA A 123 -4.29 0.36 -7.56
CA ALA A 123 -3.56 -0.43 -8.55
C ALA A 123 -3.46 -1.87 -8.13
N ARG A 124 -3.13 -2.11 -6.85
CA ARG A 124 -3.01 -3.42 -6.23
C ARG A 124 -4.35 -4.18 -6.27
N LYS A 125 -5.46 -3.51 -5.92
CA LYS A 125 -6.82 -4.09 -5.93
C LYS A 125 -7.28 -4.48 -7.35
N ILE A 126 -7.04 -3.61 -8.34
CA ILE A 126 -7.38 -3.84 -9.75
C ILE A 126 -6.52 -5.02 -10.34
N GLN A 127 -5.17 -5.02 -10.05
CA GLN A 127 -4.19 -6.01 -10.52
C GLN A 127 -4.56 -7.37 -10.05
N LEU A 128 -5.03 -7.49 -8.80
CA LEU A 128 -5.47 -8.73 -8.18
C LEU A 128 -6.77 -9.20 -8.85
N ASP A 129 -7.69 -8.27 -9.12
CA ASP A 129 -8.96 -8.53 -9.79
C ASP A 129 -8.74 -9.02 -11.26
N LEU A 130 -7.81 -8.38 -11.99
CA LEU A 130 -7.45 -8.75 -13.36
C LEU A 130 -6.68 -10.08 -13.41
N ALA A 131 -5.78 -10.33 -12.41
CA ALA A 131 -4.99 -11.56 -12.32
C ALA A 131 -5.89 -12.75 -12.06
N THR A 132 -6.98 -12.53 -11.30
CA THR A 132 -8.03 -13.51 -10.97
C THR A 132 -8.82 -13.83 -12.25
N TRP A 133 -9.06 -12.81 -13.06
CA TRP A 133 -9.80 -12.92 -14.33
C TRP A 133 -8.96 -13.69 -15.40
N LEU A 134 -7.68 -13.32 -15.57
CA LEU A 134 -6.69 -13.95 -16.47
C LEU A 134 -6.27 -15.37 -16.01
N ALA A 135 -6.41 -15.68 -14.69
CA ALA A 135 -6.12 -17.01 -14.14
C ALA A 135 -7.16 -18.01 -14.60
N GLY A 136 -8.38 -17.55 -14.84
CA GLY A 136 -9.48 -18.36 -15.36
C GLY A 136 -9.12 -18.93 -16.73
N LYS A 137 -8.34 -18.14 -17.50
CA LYS A 137 -7.80 -18.32 -18.85
C LYS A 137 -6.70 -19.40 -18.94
N LYS A 138 -6.05 -19.74 -17.81
CA LYS A 138 -4.98 -20.71 -17.72
C LYS A 138 -5.55 -22.13 -17.79
N PRO A 139 -5.09 -23.02 -18.72
CA PRO A 139 -5.68 -24.37 -18.80
C PRO A 139 -5.43 -25.23 -17.57
N ALA A 140 -6.11 -26.39 -17.48
CA ALA A 140 -5.95 -27.32 -16.35
C ALA A 140 -5.57 -28.74 -16.82
N GLY B 2 9.02 -28.32 10.18
CA GLY B 2 9.46 -27.83 11.47
C GLY B 2 9.62 -26.32 11.51
N ARG B 3 10.85 -25.84 11.15
CA ARG B 3 11.21 -24.41 11.05
C ARG B 3 10.89 -23.90 9.63
N ALA B 4 10.80 -24.85 8.66
CA ALA B 4 10.41 -24.65 7.26
C ALA B 4 8.88 -24.43 7.20
N GLY B 5 8.17 -25.10 8.13
CA GLY B 5 6.73 -25.00 8.32
C GLY B 5 6.35 -23.67 8.94
N VAL B 6 7.27 -23.07 9.74
CA VAL B 6 7.13 -21.77 10.38
C VAL B 6 7.29 -20.68 9.30
N GLU B 7 8.30 -20.83 8.40
CA GLU B 7 8.53 -19.91 7.28
C GLU B 7 7.36 -19.98 6.27
N SER B 8 6.77 -21.19 6.11
CA SER B 8 5.60 -21.49 5.27
C SER B 8 4.35 -20.88 5.91
N GLY B 9 4.34 -20.83 7.24
CA GLY B 9 3.28 -20.26 8.04
C GLY B 9 3.34 -18.74 7.99
N LEU B 10 4.56 -18.19 8.08
CA LEU B 10 4.79 -16.73 8.04
C LEU B 10 4.36 -16.14 6.70
N SER B 11 4.68 -16.81 5.59
CA SER B 11 4.28 -16.35 4.26
C SER B 11 2.81 -16.57 3.99
N SER B 12 2.10 -17.32 4.86
CA SER B 12 0.64 -17.50 4.73
C SER B 12 -0.12 -16.29 5.37
N ILE B 13 0.63 -15.37 6.04
CA ILE B 13 0.06 -14.20 6.70
C ILE B 13 -0.06 -13.01 5.73
N GLU B 14 -1.29 -12.54 5.53
CA GLU B 14 -1.59 -11.40 4.69
C GLU B 14 -1.82 -10.17 5.52
N THR B 15 -0.98 -9.14 5.31
CA THR B 15 -1.13 -7.85 6.01
C THR B 15 -2.17 -7.05 5.21
N VAL B 16 -3.21 -6.62 5.93
CA VAL B 16 -4.35 -5.85 5.44
C VAL B 16 -3.86 -4.40 5.16
N ALA B 17 -4.43 -3.76 4.13
CA ALA B 17 -4.08 -2.38 3.78
C ALA B 17 -4.40 -1.46 4.94
N ALA B 18 -3.55 -0.45 5.17
CA ALA B 18 -3.71 0.56 6.20
C ALA B 18 -3.82 1.94 5.51
N GLU B 19 -4.61 2.88 6.08
CA GLU B 19 -4.88 4.23 5.54
C GLU B 19 -3.72 5.23 5.67
N GLY B 20 -2.90 5.11 6.69
CA GLY B 20 -1.84 6.07 6.93
C GLY B 20 -0.49 5.70 6.38
N ARG B 21 0.46 6.66 6.39
CA ARG B 21 1.82 6.46 5.86
C ARG B 21 2.58 5.35 6.60
N GLY B 22 2.52 5.37 7.93
CA GLY B 22 3.17 4.37 8.78
C GLY B 22 2.63 2.99 8.50
N GLY B 23 1.31 2.91 8.40
CA GLY B 23 0.61 1.68 8.12
C GLY B 23 1.06 1.13 6.80
N TYR B 24 1.10 1.99 5.77
CA TYR B 24 1.57 1.69 4.42
C TYR B 24 3.05 1.20 4.43
N LEU B 25 3.96 1.95 5.06
CA LEU B 25 5.39 1.60 5.09
C LEU B 25 5.61 0.27 5.82
N LEU B 26 4.95 0.10 6.98
CA LEU B 26 5.06 -1.11 7.78
C LEU B 26 4.54 -2.34 7.01
N ARG B 27 3.43 -2.18 6.28
CA ARG B 27 2.84 -3.29 5.49
C ARG B 27 3.79 -3.75 4.39
N GLU B 28 4.39 -2.79 3.71
CA GLU B 28 5.35 -2.98 2.62
C GLU B 28 6.57 -3.76 3.16
N GLN B 29 7.01 -3.41 4.36
CA GLN B 29 8.14 -4.03 5.03
C GLN B 29 7.81 -5.44 5.50
N LEU B 30 6.60 -5.65 6.04
CA LEU B 30 6.11 -6.94 6.52
C LEU B 30 5.86 -7.90 5.35
N ASP B 31 5.30 -7.43 4.22
CA ASP B 31 5.11 -8.28 3.03
C ASP B 31 6.46 -8.88 2.59
N ASP B 32 7.53 -8.09 2.72
CA ASP B 32 8.91 -8.47 2.42
C ASP B 32 9.47 -9.44 3.47
N ALA B 33 9.41 -9.08 4.77
CA ALA B 33 9.92 -9.88 5.91
C ALA B 33 9.19 -11.21 6.04
N LEU B 34 7.86 -11.22 5.83
CA LEU B 34 7.04 -12.42 5.94
C LEU B 34 7.07 -13.27 4.67
N ALA B 35 7.53 -12.68 3.54
CA ALA B 35 7.64 -13.34 2.23
C ALA B 35 6.27 -13.72 1.67
N HIS B 36 5.24 -12.94 2.04
CA HIS B 36 3.90 -13.15 1.55
C HIS B 36 3.80 -12.53 0.15
N ARG B 37 3.63 -13.37 -0.89
CA ARG B 37 3.50 -12.90 -2.26
C ARG B 37 2.06 -12.38 -2.45
N GLN B 38 1.90 -11.15 -2.99
CA GLN B 38 0.60 -10.49 -3.21
C GLN B 38 -0.31 -11.37 -4.08
N GLY B 39 -1.53 -11.59 -3.60
CA GLY B 39 -2.55 -12.39 -4.27
C GLY B 39 -2.59 -13.84 -3.83
N SER B 40 -1.52 -14.30 -3.12
CA SER B 40 -1.35 -15.67 -2.60
C SER B 40 -2.43 -16.07 -1.58
N PRO B 41 -2.75 -17.40 -1.43
CA PRO B 41 -3.73 -17.81 -0.39
C PRO B 41 -3.23 -17.44 1.00
N ALA B 42 -4.15 -16.94 1.83
CA ALA B 42 -3.88 -16.47 3.18
C ALA B 42 -4.54 -17.35 4.21
N ALA B 43 -3.79 -17.70 5.27
CA ALA B 43 -4.27 -18.46 6.41
C ALA B 43 -4.60 -17.51 7.54
N TYR B 44 -3.87 -16.38 7.60
CA TYR B 44 -4.03 -15.34 8.62
C TYR B 44 -4.13 -13.96 8.01
N LYS B 45 -4.87 -13.08 8.70
CA LYS B 45 -5.01 -11.66 8.32
C LYS B 45 -4.36 -10.80 9.40
N LEU B 46 -3.34 -10.03 9.02
CA LEU B 46 -2.62 -9.18 9.98
C LEU B 46 -3.06 -7.71 9.83
N TYR B 47 -3.74 -7.19 10.85
CA TYR B 47 -4.25 -5.82 10.94
C TYR B 47 -3.31 -4.92 11.73
N LEU B 48 -2.91 -3.81 11.15
CA LEU B 48 -1.97 -2.90 11.82
C LEU B 48 -2.64 -1.61 12.27
N SER B 49 -2.39 -1.18 13.52
CA SER B 49 -2.88 0.09 14.03
C SER B 49 -1.69 0.97 14.43
N VAL B 50 -1.18 1.73 13.47
CA VAL B 50 -0.09 2.63 13.72
C VAL B 50 -0.65 3.94 14.28
N ASN B 51 0.07 4.50 15.28
CA ASN B 51 -0.21 5.85 15.81
C ASN B 51 0.39 6.81 14.80
N GLU B 52 -0.43 7.26 13.86
CA GLU B 52 -0.03 8.07 12.70
C GLU B 52 0.32 9.50 13.06
N GLN B 53 -0.29 10.05 14.12
CA GLN B 53 0.00 11.41 14.60
C GLN B 53 1.40 11.43 15.18
N ARG B 54 1.72 10.41 15.99
CA ARG B 54 3.04 10.31 16.59
C ARG B 54 4.08 10.00 15.55
N PHE B 55 3.72 9.22 14.54
CA PHE B 55 4.69 8.85 13.51
C PHE B 55 5.00 10.02 12.55
N ALA B 56 4.07 10.97 12.36
CA ALA B 56 4.34 12.11 11.46
C ALA B 56 5.20 13.20 12.14
N ARG B 57 5.20 13.19 13.48
CA ARG B 57 5.78 14.16 14.41
C ARG B 57 7.19 13.84 14.88
N GLY B 58 8.18 14.45 14.27
CA GLY B 58 9.55 14.35 14.74
C GLY B 58 9.72 15.31 15.91
N VAL B 59 10.44 14.90 16.96
CA VAL B 59 10.67 15.70 18.17
C VAL B 59 12.12 16.11 18.21
N ARG B 60 12.38 17.43 18.24
CA ARG B 60 13.71 18.02 18.21
C ARG B 60 14.58 17.57 19.40
N ALA B 65 21.91 19.75 18.60
CA ALA B 65 22.06 20.50 17.35
C ALA B 65 21.53 19.69 16.12
N ASN B 66 20.31 20.09 15.65
CA ASN B 66 19.46 19.68 14.51
C ASN B 66 19.12 18.15 14.40
N ARG B 67 18.83 17.48 15.52
CA ARG B 67 18.46 16.07 15.50
C ARG B 67 17.02 15.85 15.97
N PHE B 68 16.28 14.98 15.29
CA PHE B 68 14.91 14.69 15.67
C PHE B 68 14.77 13.24 16.06
N GLU B 69 13.78 12.94 16.92
CA GLU B 69 13.42 11.59 17.30
C GLU B 69 12.01 11.34 16.82
N LEU B 70 11.84 10.21 16.18
CA LEU B 70 10.61 9.76 15.64
C LEU B 70 10.26 8.44 16.27
N ARG B 71 8.99 8.29 16.64
CA ARG B 71 8.51 7.11 17.30
C ARG B 71 7.40 6.42 16.52
N SER B 73 4.67 3.58 17.03
CA SER B 73 3.89 2.80 17.98
C SER B 73 2.82 2.04 17.23
N VAL B 74 2.82 0.70 17.33
CA VAL B 74 1.87 -0.13 16.57
C VAL B 74 1.20 -1.15 17.43
N ASP B 75 -0.13 -1.15 17.43
CA ASP B 75 -0.95 -2.21 18.03
C ASP B 75 -1.41 -3.06 16.86
N TRP B 76 -1.28 -4.39 16.96
CA TRP B 76 -1.64 -5.24 15.81
C TRP B 76 -2.34 -6.52 16.25
N ARG B 77 -3.20 -7.04 15.38
CA ARG B 77 -4.00 -8.25 15.58
C ARG B 77 -3.79 -9.23 14.46
N LEU B 78 -3.70 -10.52 14.82
CA LEU B 78 -3.57 -11.60 13.85
C LEU B 78 -4.86 -12.39 13.89
N LEU B 79 -5.53 -12.51 12.73
CA LEU B 79 -6.80 -13.22 12.69
C LEU B 79 -6.74 -14.46 11.85
N ASP B 80 -7.64 -15.40 12.14
CA ASP B 80 -7.83 -16.58 11.31
C ASP B 80 -8.58 -16.10 10.05
N ALA B 81 -7.98 -16.28 8.86
CA ALA B 81 -8.59 -15.79 7.61
C ALA B 81 -9.87 -16.55 7.20
N LYS B 82 -10.20 -17.67 7.90
CA LYS B 82 -11.41 -18.44 7.65
C LYS B 82 -12.58 -17.94 8.46
N ASN B 83 -12.38 -17.48 9.71
CA ASN B 83 -13.55 -17.08 10.50
C ASN B 83 -13.41 -15.68 11.16
N GLY B 84 -12.29 -15.02 10.96
CA GLY B 84 -12.03 -13.71 11.54
C GLY B 84 -11.79 -13.70 13.04
N ALA B 85 -11.49 -14.85 13.64
CA ALA B 85 -11.21 -14.90 15.08
C ALA B 85 -9.79 -14.42 15.33
N GLU B 86 -9.59 -13.58 16.37
CA GLU B 86 -8.28 -13.12 16.78
C GLU B 86 -7.53 -14.27 17.45
N VAL B 87 -6.41 -14.68 16.85
CA VAL B 87 -5.60 -15.81 17.33
C VAL B 87 -4.33 -15.35 18.04
N HIS B 88 -3.94 -14.09 17.83
CA HIS B 88 -2.74 -13.50 18.42
C HIS B 88 -2.75 -11.98 18.24
N LYS B 89 -2.10 -11.27 19.15
CA LYS B 89 -2.01 -9.82 19.07
C LYS B 89 -0.69 -9.32 19.67
N GLY B 90 -0.43 -8.04 19.51
CA GLY B 90 0.81 -7.47 20.02
C GLY B 90 0.89 -5.98 19.92
N ARG B 91 1.94 -5.43 20.53
CA ARG B 91 2.25 -4.01 20.60
C ARG B 91 3.75 -3.88 20.34
N THR B 92 4.10 -3.01 19.38
CA THR B 92 5.49 -2.80 18.97
C THR B 92 5.78 -1.32 19.03
N ASP B 93 6.93 -0.98 19.61
CA ASP B 93 7.38 0.41 19.71
C ASP B 93 8.78 0.53 19.16
N VAL B 94 8.98 1.44 18.23
CA VAL B 94 10.31 1.63 17.68
C VAL B 94 10.64 3.14 17.72
N SER B 95 11.88 3.48 18.02
CA SER B 95 12.38 4.87 17.98
C SER B 95 13.59 4.99 17.09
N VAL B 96 13.61 6.02 16.24
CA VAL B 96 14.75 6.34 15.38
C VAL B 96 15.04 7.83 15.51
N THR B 97 16.25 8.21 15.13
CA THR B 97 16.64 9.58 15.06
C THR B 97 17.00 9.86 13.61
N TYR B 98 16.87 11.14 13.21
CA TYR B 98 17.23 11.62 11.90
C TYR B 98 17.70 13.04 12.03
N ASP B 99 18.57 13.48 11.10
CA ASP B 99 19.05 14.86 11.11
C ASP B 99 18.02 15.77 10.46
N SER B 100 17.95 17.04 10.87
CA SER B 100 17.14 18.04 10.18
C SER B 100 18.06 18.91 9.31
N ALA B 101 17.58 19.42 8.19
CA ALA B 101 18.39 20.31 7.37
C ALA B 101 17.67 21.62 7.21
N ASP B 102 18.42 22.72 6.95
CA ASP B 102 17.85 24.06 6.75
C ASP B 102 16.98 24.07 5.47
N GLN B 103 17.39 23.29 4.46
CA GLN B 103 16.67 23.16 3.21
C GLN B 103 15.45 22.22 3.37
N PRO B 104 14.25 22.63 2.89
CA PRO B 104 13.06 21.78 3.07
C PRO B 104 13.11 20.42 2.35
N TYR B 105 13.68 20.34 1.11
CA TYR B 105 13.75 19.07 0.34
C TYR B 105 14.58 18.01 1.10
N ALA B 106 15.69 18.44 1.70
CA ALA B 106 16.64 17.61 2.44
C ALA B 106 16.05 17.22 3.80
N ALA B 107 15.30 18.15 4.44
CA ALA B 107 14.63 17.96 5.72
C ALA B 107 13.58 16.86 5.64
N ILE B 108 12.82 16.84 4.53
CA ILE B 108 11.79 15.84 4.22
C ILE B 108 12.47 14.50 3.90
N ALA B 109 13.53 14.51 3.08
CA ALA B 109 14.29 13.30 2.73
C ALA B 109 14.78 12.54 4.00
N ALA B 110 15.33 13.29 4.98
CA ALA B 110 15.86 12.76 6.24
C ALA B 110 14.75 12.17 7.12
N GLN B 111 13.58 12.85 7.15
CA GLN B 111 12.40 12.42 7.89
C GLN B 111 11.86 11.14 7.27
N GLN B 112 11.68 11.11 5.93
CA GLN B 112 11.16 9.93 5.21
C GLN B 112 12.08 8.71 5.38
N ASP B 113 13.42 8.93 5.36
CA ASP B 113 14.40 7.86 5.57
C ASP B 113 14.26 7.31 7.01
N GLY B 114 14.09 8.20 7.99
CA GLY B 114 13.86 7.82 9.38
C GLY B 114 12.60 6.98 9.53
N GLN B 115 11.51 7.40 8.85
CA GLN B 115 10.23 6.68 8.85
C GLN B 115 10.37 5.28 8.24
N GLU B 116 11.15 5.14 7.17
CA GLU B 116 11.43 3.86 6.51
C GLU B 116 12.25 2.91 7.44
N ARG B 117 13.23 3.47 8.17
CA ARG B 117 14.06 2.74 9.13
C ARG B 117 13.22 2.29 10.34
N ALA B 118 12.31 3.15 10.81
CA ALA B 118 11.39 2.78 11.90
C ALA B 118 10.49 1.64 11.46
N ALA B 119 9.88 1.75 10.26
CA ALA B 119 9.00 0.72 9.68
C ALA B 119 9.72 -0.61 9.49
N ALA B 120 10.99 -0.58 9.05
CA ALA B 120 11.82 -1.77 8.82
C ALA B 120 12.10 -2.50 10.15
N GLU B 121 12.48 -1.76 11.20
CA GLU B 121 12.72 -2.32 12.52
C GLU B 121 11.44 -2.83 13.16
N ALA B 122 10.30 -2.12 12.96
CA ALA B 122 9.02 -2.57 13.51
C ALA B 122 8.62 -3.89 12.86
N ALA B 123 8.84 -4.00 11.54
CA ALA B 123 8.57 -5.19 10.73
C ALA B 123 9.35 -6.39 11.26
N ARG B 124 10.66 -6.22 11.55
CA ARG B 124 11.48 -7.32 12.08
C ARG B 124 11.00 -7.76 13.45
N LYS B 125 10.68 -6.80 14.34
CA LYS B 125 10.19 -7.08 15.69
C LYS B 125 8.86 -7.90 15.68
N ILE B 126 7.92 -7.55 14.76
CA ILE B 126 6.64 -8.24 14.60
C ILE B 126 6.85 -9.66 14.03
N GLN B 127 7.76 -9.78 13.02
CA GLN B 127 8.10 -11.02 12.34
C GLN B 127 8.66 -12.03 13.32
N LEU B 128 9.49 -11.56 14.26
CA LEU B 128 10.12 -12.38 15.29
C LEU B 128 9.06 -12.83 16.31
N ASP B 129 8.13 -11.95 16.65
CA ASP B 129 7.00 -12.23 17.56
C ASP B 129 6.06 -13.30 16.97
N LEU B 130 5.73 -13.15 15.68
CA LEU B 130 4.87 -14.07 14.93
C LEU B 130 5.54 -15.42 14.73
N ALA B 131 6.87 -15.44 14.42
CA ALA B 131 7.67 -16.65 14.21
C ALA B 131 7.73 -17.47 15.49
N THR B 132 7.83 -16.78 16.64
CA THR B 132 7.87 -17.36 17.98
C THR B 132 6.49 -17.97 18.29
N TRP B 133 5.41 -17.33 17.85
CA TRP B 133 4.05 -17.80 18.04
C TRP B 133 3.79 -19.08 17.24
N LEU B 134 4.11 -19.07 15.92
CA LEU B 134 3.94 -20.20 15.03
C LEU B 134 4.81 -21.39 15.47
N ALA B 135 6.05 -21.11 15.97
CA ALA B 135 6.98 -22.12 16.47
C ALA B 135 6.42 -22.87 17.70
N GLY B 136 5.57 -22.17 18.47
CA GLY B 136 4.95 -22.66 19.70
C GLY B 136 3.99 -23.82 19.54
N LYS B 137 2.80 -23.56 18.98
CA LYS B 137 1.77 -24.59 18.80
C LYS B 137 1.64 -24.97 17.34
#